data_9KFS
#
_entry.id   9KFS
#
_entity_poly.entity_id   1
_entity_poly.type   'polypeptide(L)'
_entity_poly.pdbx_seq_one_letter_code
;GCKPKGAPCSPLMYPCCTGPCWDLSLDCSFCVFC
;
_entity_poly.pdbx_strand_id   A
#
# COMPACT_ATOMS: atom_id res chain seq x y z
N GLY A 1 -4.30 1.15 3.26
CA GLY A 1 -2.96 0.90 2.68
C GLY A 1 -2.23 2.17 2.33
N CYS A 2 -0.99 2.02 1.85
CA CYS A 2 -0.17 3.16 1.42
C CYS A 2 0.24 4.09 2.57
N LYS A 3 -0.18 3.77 3.78
CA LYS A 3 0.26 4.53 4.95
C LYS A 3 1.15 3.63 5.80
N PRO A 4 2.07 4.22 6.58
CA PRO A 4 3.05 3.44 7.33
C PRO A 4 2.45 2.72 8.54
N LYS A 5 3.09 1.61 8.90
CA LYS A 5 2.62 0.76 9.99
C LYS A 5 3.79 0.04 10.67
N GLY A 6 4.68 -0.51 9.87
CA GLY A 6 5.82 -1.23 10.39
C GLY A 6 5.50 -2.69 10.61
N ALA A 7 4.47 -2.94 11.43
CA ALA A 7 3.94 -4.26 11.61
C ALA A 7 3.06 -4.63 10.42
N PRO A 8 2.89 -5.93 10.14
CA PRO A 8 2.10 -6.36 8.98
C PRO A 8 0.70 -5.79 9.00
N CYS A 9 0.34 -5.15 7.91
CA CYS A 9 -0.95 -4.49 7.79
C CYS A 9 -1.88 -5.32 6.93
N SER A 10 -3.07 -4.79 6.68
CA SER A 10 -4.07 -5.42 5.83
C SER A 10 -3.47 -5.91 4.50
N PRO A 11 -3.34 -7.23 4.35
CA PRO A 11 -2.78 -7.84 3.15
C PRO A 11 -3.84 -8.20 2.10
N LEU A 12 -5.08 -7.77 2.35
CA LEU A 12 -6.22 -8.15 1.51
C LEU A 12 -5.99 -7.73 0.06
N MET A 13 -5.99 -6.44 -0.20
CA MET A 13 -5.73 -5.92 -1.53
C MET A 13 -4.90 -4.66 -1.47
N TYR A 14 -5.26 -3.76 -0.56
CA TYR A 14 -4.59 -2.46 -0.43
C TYR A 14 -3.73 -2.45 0.85
N PRO A 15 -2.49 -2.95 0.76
CA PRO A 15 -1.61 -3.10 1.92
C PRO A 15 -0.92 -1.81 2.31
N CYS A 16 -0.46 -1.78 3.55
CA CYS A 16 0.11 -0.57 4.12
C CYS A 16 1.63 -0.57 4.01
N CYS A 17 2.14 0.11 3.00
CA CYS A 17 3.57 0.24 2.85
C CYS A 17 4.08 1.40 3.70
N THR A 18 5.31 1.32 4.15
CA THR A 18 5.84 2.32 5.07
C THR A 18 6.67 3.37 4.33
N GLY A 19 6.22 3.74 3.13
CA GLY A 19 6.94 4.70 2.33
C GLY A 19 6.02 5.61 1.54
N PRO A 20 6.45 6.03 0.34
CA PRO A 20 5.66 6.92 -0.50
C PRO A 20 4.71 6.18 -1.45
N CYS A 21 3.46 6.56 -1.41
CA CYS A 21 2.44 5.98 -2.29
C CYS A 21 2.11 6.96 -3.40
N TRP A 22 1.49 6.44 -4.45
CA TRP A 22 1.30 7.20 -5.69
C TRP A 22 -0.01 6.85 -6.37
N ASP A 23 -0.40 5.58 -6.23
CA ASP A 23 -1.65 5.05 -6.80
C ASP A 23 -1.46 4.72 -8.28
N LEU A 24 -0.31 4.16 -8.62
CA LEU A 24 0.02 3.88 -10.01
C LEU A 24 -0.04 2.38 -10.37
N SER A 25 0.38 1.51 -9.45
CA SER A 25 0.38 0.05 -9.70
C SER A 25 1.18 -0.69 -8.62
N LEU A 26 2.38 -0.20 -8.33
CA LEU A 26 3.28 -0.80 -7.34
C LEU A 26 2.58 -1.03 -6.01
N ASP A 27 3.13 -1.94 -5.21
CA ASP A 27 2.52 -2.31 -3.94
C ASP A 27 2.60 -1.18 -2.92
N CYS A 28 3.56 -0.28 -3.08
CA CYS A 28 3.61 0.91 -2.25
C CYS A 28 3.06 2.11 -3.00
N SER A 29 3.21 2.08 -4.31
CA SER A 29 2.61 3.08 -5.17
C SER A 29 1.34 2.50 -5.76
N PHE A 30 0.32 2.53 -4.96
CA PHE A 30 -0.70 1.53 -5.02
C PHE A 30 -2.02 2.05 -5.50
N CYS A 31 -2.53 1.35 -6.47
CA CYS A 31 -3.83 1.61 -6.99
C CYS A 31 -4.64 0.33 -6.92
N VAL A 32 -5.76 0.40 -6.21
CA VAL A 32 -6.67 -0.72 -6.15
C VAL A 32 -7.24 -0.95 -7.54
N PHE A 33 -7.73 -2.15 -7.79
CA PHE A 33 -7.88 -2.66 -9.16
C PHE A 33 -8.58 -1.66 -10.06
N CYS A 34 -7.71 -0.92 -10.73
CA CYS A 34 -8.09 0.18 -11.59
C CYS A 34 -7.70 -0.13 -13.03
N GLY A 1 -0.18 0.65 -0.96
CA GLY A 1 -1.07 1.20 0.09
C GLY A 1 -0.80 2.66 0.32
N CYS A 2 -0.63 3.06 1.57
CA CYS A 2 -0.38 4.47 1.88
C CYS A 2 0.29 4.65 3.23
N LYS A 3 -0.34 4.13 4.27
CA LYS A 3 0.20 4.24 5.61
C LYS A 3 1.46 3.39 5.72
N PRO A 4 2.46 3.84 6.50
CA PRO A 4 3.74 3.14 6.60
C PRO A 4 3.60 1.75 7.21
N LYS A 5 4.24 0.78 6.58
CA LYS A 5 4.18 -0.60 7.02
C LYS A 5 4.87 -0.77 8.38
N GLY A 6 4.09 -1.19 9.35
CA GLY A 6 4.58 -1.38 10.70
C GLY A 6 3.46 -1.94 11.56
N ALA A 7 2.33 -1.25 11.51
CA ALA A 7 1.09 -1.76 12.04
C ALA A 7 0.56 -2.83 11.07
N PRO A 8 -0.35 -3.70 11.52
CA PRO A 8 -0.87 -4.80 10.70
C PRO A 8 -1.39 -4.31 9.35
N CYS A 9 -0.91 -4.93 8.30
CA CYS A 9 -1.25 -4.55 6.94
C CYS A 9 -2.24 -5.52 6.30
N SER A 10 -2.81 -5.10 5.18
CA SER A 10 -3.77 -5.90 4.46
C SER A 10 -3.18 -6.41 3.15
N PRO A 11 -2.95 -7.71 3.03
CA PRO A 11 -2.51 -8.32 1.79
C PRO A 11 -3.69 -8.61 0.87
N LEU A 12 -4.86 -8.14 1.28
CA LEU A 12 -6.11 -8.43 0.59
C LEU A 12 -6.65 -7.18 -0.10
N MET A 13 -7.00 -6.19 0.70
CA MET A 13 -7.64 -4.98 0.18
C MET A 13 -6.60 -4.09 -0.46
N TYR A 14 -5.61 -3.73 0.33
CA TYR A 14 -4.51 -2.88 -0.11
C TYR A 14 -3.33 -3.05 0.84
N PRO A 15 -2.14 -3.37 0.33
CA PRO A 15 -0.99 -3.53 1.19
C PRO A 15 -0.25 -2.22 1.42
N CYS A 16 -0.08 -1.88 2.69
CA CYS A 16 0.68 -0.71 3.09
C CYS A 16 2.17 -0.97 3.00
N CYS A 17 2.88 -0.08 2.34
CA CYS A 17 4.31 -0.20 2.15
C CYS A 17 5.04 0.72 3.12
N THR A 18 6.34 0.57 3.23
CA THR A 18 7.13 1.41 4.12
C THR A 18 7.60 2.68 3.39
N GLY A 19 6.70 3.27 2.62
CA GLY A 19 7.01 4.47 1.89
C GLY A 19 5.76 5.23 1.49
N PRO A 20 5.91 6.40 0.87
CA PRO A 20 4.76 7.22 0.46
C PRO A 20 4.06 6.63 -0.76
N CYS A 21 2.78 6.91 -0.88
CA CYS A 21 1.96 6.33 -1.95
C CYS A 21 1.72 7.33 -3.07
N TRP A 22 2.10 6.92 -4.27
CA TRP A 22 1.92 7.73 -5.47
C TRP A 22 0.56 7.46 -6.13
N ASP A 23 0.52 6.44 -6.99
CA ASP A 23 -0.67 6.14 -7.77
C ASP A 23 -0.84 4.62 -7.90
N LEU A 24 -1.63 4.18 -8.87
CA LEU A 24 -1.95 2.76 -9.05
C LEU A 24 -0.81 2.02 -9.74
N SER A 25 0.30 2.70 -9.90
CA SER A 25 1.47 2.15 -10.56
C SER A 25 2.03 0.95 -9.78
N LEU A 26 2.58 1.22 -8.61
CA LEU A 26 3.10 0.17 -7.74
C LEU A 26 2.12 -0.08 -6.59
N ASP A 27 2.12 -1.32 -6.11
CA ASP A 27 1.19 -1.73 -5.05
C ASP A 27 1.56 -1.05 -3.75
N CYS A 28 2.82 -0.67 -3.63
CA CYS A 28 3.27 0.09 -2.46
C CYS A 28 2.63 1.46 -2.44
N SER A 29 2.32 1.97 -3.62
CA SER A 29 1.67 3.26 -3.76
C SER A 29 0.16 3.08 -3.75
N PHE A 30 -0.57 4.06 -4.28
CA PHE A 30 -2.01 4.03 -4.15
C PHE A 30 -2.63 3.07 -5.16
N CYS A 31 -2.41 1.78 -4.96
CA CYS A 31 -3.11 0.77 -5.71
C CYS A 31 -3.70 -0.25 -4.77
N VAL A 32 -5.03 -0.27 -4.65
CA VAL A 32 -5.70 -1.36 -4.00
C VAL A 32 -5.50 -2.61 -4.84
N PHE A 33 -5.69 -3.78 -4.23
CA PHE A 33 -5.13 -5.02 -4.76
C PHE A 33 -5.44 -5.17 -6.24
N CYS A 34 -4.41 -4.91 -7.04
CA CYS A 34 -4.53 -4.83 -8.48
C CYS A 34 -3.63 -5.86 -9.14
N GLY A 1 -0.74 -0.30 -1.40
CA GLY A 1 -0.43 0.27 -0.07
C GLY A 1 -0.65 1.77 -0.05
N CYS A 2 -0.08 2.44 0.95
CA CYS A 2 -0.09 3.90 0.97
C CYS A 2 0.79 4.46 2.08
N LYS A 3 0.27 4.43 3.29
CA LYS A 3 0.98 5.00 4.42
C LYS A 3 1.72 3.92 5.21
N PRO A 4 2.65 4.32 6.09
CA PRO A 4 3.38 3.39 6.93
C PRO A 4 2.52 2.75 8.02
N LYS A 5 3.03 1.68 8.60
CA LYS A 5 2.31 0.93 9.62
C LYS A 5 3.28 0.14 10.50
N GLY A 6 4.45 -0.16 9.94
CA GLY A 6 5.44 -0.93 10.68
C GLY A 6 5.20 -2.41 10.56
N ALA A 7 4.24 -2.90 11.32
CA ALA A 7 3.75 -4.25 11.17
C ALA A 7 2.96 -4.33 9.87
N PRO A 8 2.85 -5.52 9.27
CA PRO A 8 2.13 -5.68 8.01
C PRO A 8 0.71 -5.14 8.11
N CYS A 9 0.37 -4.27 7.19
CA CYS A 9 -0.90 -3.55 7.25
C CYS A 9 -2.01 -4.38 6.63
N SER A 10 -3.23 -3.90 6.75
CA SER A 10 -4.41 -4.58 6.23
C SER A 10 -4.23 -4.95 4.76
N PRO A 11 -4.33 -6.24 4.44
CA PRO A 11 -4.24 -6.75 3.07
C PRO A 11 -5.61 -6.80 2.38
N LEU A 12 -6.61 -6.22 3.05
CA LEU A 12 -8.03 -6.31 2.61
C LEU A 12 -8.20 -6.19 1.10
N MET A 13 -7.64 -5.15 0.50
CA MET A 13 -7.60 -5.00 -0.95
C MET A 13 -6.25 -4.45 -1.35
N TYR A 14 -5.55 -3.87 -0.39
CA TYR A 14 -4.26 -3.27 -0.61
C TYR A 14 -3.53 -3.11 0.72
N PRO A 15 -2.38 -3.79 0.90
CA PRO A 15 -1.59 -3.72 2.11
C PRO A 15 -0.73 -2.48 2.14
N CYS A 16 -0.83 -1.71 3.22
CA CYS A 16 -0.12 -0.45 3.34
C CYS A 16 1.38 -0.66 3.45
N CYS A 17 2.04 -0.66 2.30
CA CYS A 17 3.50 -0.68 2.25
C CYS A 17 4.05 0.57 2.93
N THR A 18 5.12 0.40 3.69
CA THR A 18 5.66 1.49 4.48
C THR A 18 6.62 2.33 3.64
N GLY A 19 6.12 2.82 2.52
CA GLY A 19 6.90 3.66 1.63
C GLY A 19 6.10 4.84 1.11
N PRO A 20 6.34 5.25 -0.14
CA PRO A 20 5.63 6.36 -0.76
C PRO A 20 4.24 5.97 -1.26
N CYS A 21 3.34 6.93 -1.32
CA CYS A 21 1.97 6.65 -1.74
C CYS A 21 1.61 7.45 -2.97
N TRP A 22 2.06 6.95 -4.11
CA TRP A 22 1.67 7.47 -5.41
C TRP A 22 0.31 6.92 -5.82
N ASP A 23 0.04 6.91 -7.11
CA ASP A 23 -1.22 6.38 -7.63
C ASP A 23 -1.07 4.87 -7.93
N LEU A 24 -1.79 4.39 -8.94
CA LEU A 24 -1.79 2.96 -9.30
C LEU A 24 -0.42 2.49 -9.82
N SER A 25 0.52 3.40 -9.87
CA SER A 25 1.84 3.14 -10.46
C SER A 25 2.65 2.14 -9.63
N LEU A 26 2.47 2.18 -8.32
CA LEU A 26 3.24 1.32 -7.42
C LEU A 26 2.29 0.55 -6.52
N ASP A 27 2.62 -0.70 -6.21
CA ASP A 27 1.85 -1.49 -5.27
C ASP A 27 2.12 -1.02 -3.86
N CYS A 28 3.32 -0.51 -3.64
CA CYS A 28 3.68 0.11 -2.37
C CYS A 28 2.85 1.37 -2.19
N SER A 29 2.47 1.95 -3.32
CA SER A 29 1.65 3.14 -3.36
C SER A 29 0.19 2.76 -3.52
N PHE A 30 -0.64 3.70 -3.96
CA PHE A 30 -2.07 3.50 -3.92
C PHE A 30 -2.56 2.74 -5.15
N CYS A 31 -2.25 1.47 -5.18
CA CYS A 31 -2.83 0.57 -6.14
C CYS A 31 -3.42 -0.62 -5.40
N VAL A 32 -4.75 -0.73 -5.42
CA VAL A 32 -5.37 -1.92 -4.88
C VAL A 32 -5.01 -3.08 -5.78
N PHE A 33 -5.10 -4.29 -5.25
CA PHE A 33 -4.41 -5.44 -5.82
C PHE A 33 -4.64 -5.55 -7.34
N CYS A 34 -3.65 -5.01 -8.03
CA CYS A 34 -3.66 -4.86 -9.47
C CYS A 34 -2.78 -5.91 -10.13
N GLY A 1 -0.65 0.41 -1.34
CA GLY A 1 0.07 0.81 -0.11
C GLY A 1 0.06 2.31 0.07
N CYS A 2 0.39 2.77 1.29
CA CYS A 2 0.43 4.21 1.55
C CYS A 2 1.02 4.54 2.91
N LYS A 3 0.26 4.27 3.95
CA LYS A 3 0.64 4.64 5.31
C LYS A 3 1.74 3.70 5.85
N PRO A 4 2.62 4.21 6.72
CA PRO A 4 3.66 3.41 7.36
C PRO A 4 3.09 2.53 8.47
N LYS A 5 3.72 1.38 8.73
CA LYS A 5 3.14 0.40 9.65
C LYS A 5 4.20 -0.29 10.50
N GLY A 6 3.73 -0.90 11.59
CA GLY A 6 4.60 -1.70 12.43
C GLY A 6 3.99 -3.07 12.65
N ALA A 7 2.74 -3.08 13.05
CA ALA A 7 1.96 -4.31 13.17
C ALA A 7 1.46 -4.73 11.79
N PRO A 8 1.08 -6.01 11.62
CA PRO A 8 0.63 -6.55 10.33
C PRO A 8 -0.46 -5.69 9.69
N CYS A 9 -0.25 -5.33 8.45
CA CYS A 9 -1.13 -4.42 7.74
C CYS A 9 -2.26 -5.19 7.07
N SER A 10 -3.25 -4.45 6.57
CA SER A 10 -4.37 -5.04 5.86
C SER A 10 -3.90 -5.70 4.56
N PRO A 11 -4.17 -7.01 4.41
CA PRO A 11 -3.86 -7.73 3.19
C PRO A 11 -5.01 -7.69 2.20
N LEU A 12 -6.05 -6.93 2.53
CA LEU A 12 -7.25 -6.88 1.73
C LEU A 12 -7.08 -5.85 0.61
N MET A 13 -6.51 -6.31 -0.51
CA MET A 13 -6.32 -5.54 -1.75
C MET A 13 -5.57 -4.22 -1.55
N TYR A 14 -5.07 -3.96 -0.35
CA TYR A 14 -4.37 -2.72 -0.07
C TYR A 14 -3.48 -2.88 1.17
N PRO A 15 -2.28 -3.47 0.99
CA PRO A 15 -1.29 -3.54 2.03
C PRO A 15 -0.43 -2.27 2.05
N CYS A 16 -0.33 -1.66 3.20
CA CYS A 16 0.34 -0.38 3.36
C CYS A 16 1.87 -0.53 3.33
N CYS A 17 2.44 -0.39 2.14
CA CYS A 17 3.88 -0.34 1.97
C CYS A 17 4.45 0.84 2.76
N THR A 18 5.55 0.62 3.45
CA THR A 18 6.12 1.63 4.32
C THR A 18 7.02 2.58 3.54
N GLY A 19 6.42 3.21 2.54
CA GLY A 19 7.13 4.18 1.73
C GLY A 19 6.18 5.18 1.11
N PRO A 20 6.62 5.93 0.10
CA PRO A 20 5.77 6.91 -0.60
C PRO A 20 4.72 6.20 -1.46
N CYS A 21 3.56 6.80 -1.59
CA CYS A 21 2.51 6.20 -2.37
C CYS A 21 1.87 7.20 -3.32
N TRP A 22 1.93 6.88 -4.60
CA TRP A 22 1.32 7.67 -5.65
C TRP A 22 -0.12 7.21 -5.89
N ASP A 23 -0.42 6.87 -7.14
CA ASP A 23 -1.76 6.40 -7.49
C ASP A 23 -1.70 4.94 -7.94
N LEU A 24 -2.27 4.68 -9.09
CA LEU A 24 -2.45 3.31 -9.59
C LEU A 24 -1.17 2.74 -10.19
N SER A 25 -0.06 3.41 -9.97
CA SER A 25 1.22 2.98 -10.49
C SER A 25 1.60 1.57 -10.02
N LEU A 26 2.07 1.46 -8.78
CA LEU A 26 2.49 0.18 -8.24
C LEU A 26 1.92 -0.11 -6.85
N ASP A 27 2.25 -1.27 -6.30
CA ASP A 27 1.65 -1.73 -5.05
C ASP A 27 1.99 -0.84 -3.87
N CYS A 28 3.23 -0.37 -3.79
CA CYS A 28 3.64 0.51 -2.70
C CYS A 28 2.94 1.85 -2.80
N SER A 29 2.43 2.15 -3.98
CA SER A 29 1.60 3.33 -4.19
C SER A 29 0.15 2.94 -4.02
N PHE A 30 -0.75 3.85 -4.29
CA PHE A 30 -2.15 3.58 -4.00
C PHE A 30 -2.82 2.84 -5.15
N CYS A 31 -2.47 1.57 -5.33
CA CYS A 31 -3.15 0.73 -6.29
C CYS A 31 -3.62 -0.55 -5.61
N VAL A 32 -4.91 -0.79 -5.66
CA VAL A 32 -5.43 -2.10 -5.36
C VAL A 32 -4.98 -3.05 -6.45
N PHE A 33 -4.98 -4.35 -6.15
CA PHE A 33 -4.18 -5.32 -6.92
C PHE A 33 -4.44 -5.19 -8.42
N CYS A 34 -3.52 -4.50 -9.07
CA CYS A 34 -3.62 -4.18 -10.49
C CYS A 34 -2.57 -4.97 -11.27
N GLY A 1 -0.59 -0.83 -1.55
CA GLY A 1 -0.32 -0.27 -0.21
C GLY A 1 -0.57 1.22 -0.15
N CYS A 2 0.15 1.93 0.72
CA CYS A 2 0.10 3.38 0.74
C CYS A 2 1.10 3.94 1.76
N LYS A 3 0.81 3.76 3.02
CA LYS A 3 1.63 4.33 4.08
C LYS A 3 2.35 3.26 4.88
N PRO A 4 3.40 3.62 5.62
CA PRO A 4 4.11 2.70 6.51
C PRO A 4 3.31 2.37 7.76
N LYS A 5 3.49 1.16 8.26
CA LYS A 5 2.74 0.70 9.42
C LYS A 5 3.55 -0.30 10.24
N GLY A 6 4.38 -1.08 9.57
CA GLY A 6 5.14 -2.11 10.26
C GLY A 6 4.43 -3.44 10.20
N ALA A 7 3.44 -3.62 11.05
CA ALA A 7 2.57 -4.78 10.99
C ALA A 7 1.73 -4.69 9.72
N PRO A 8 1.36 -5.84 9.12
CA PRO A 8 0.64 -5.85 7.84
C PRO A 8 -0.60 -4.98 7.87
N CYS A 9 -0.65 -4.05 6.94
CA CYS A 9 -1.72 -3.08 6.83
C CYS A 9 -2.64 -3.39 5.66
N SER A 10 -3.84 -3.86 5.91
CA SER A 10 -4.80 -4.01 4.84
C SER A 10 -6.21 -3.69 5.30
N PRO A 11 -6.75 -2.54 4.87
CA PRO A 11 -8.15 -2.22 5.04
C PRO A 11 -9.02 -3.05 4.11
N LEU A 12 -8.41 -3.54 3.02
CA LEU A 12 -9.13 -4.33 2.03
C LEU A 12 -8.43 -5.66 1.81
N MET A 13 -7.56 -5.71 0.80
CA MET A 13 -6.73 -6.89 0.53
C MET A 13 -5.35 -6.45 0.05
N TYR A 14 -4.98 -5.22 0.38
CA TYR A 14 -3.71 -4.67 -0.06
C TYR A 14 -2.87 -4.21 1.14
N PRO A 15 -1.63 -4.71 1.24
CA PRO A 15 -0.74 -4.33 2.34
C PRO A 15 -0.10 -2.97 2.13
N CYS A 16 -0.22 -2.10 3.12
CA CYS A 16 0.38 -0.78 3.08
C CYS A 16 1.90 -0.88 3.21
N CYS A 17 2.57 -0.93 2.06
CA CYS A 17 4.01 -0.89 1.99
C CYS A 17 4.54 0.37 2.67
N THR A 18 5.73 0.28 3.24
CA THR A 18 6.31 1.39 4.00
C THR A 18 6.90 2.45 3.07
N GLY A 19 6.12 2.85 2.08
CA GLY A 19 6.56 3.87 1.15
C GLY A 19 5.60 5.04 1.10
N PRO A 20 5.71 5.89 0.07
CA PRO A 20 4.78 6.99 -0.14
C PRO A 20 3.60 6.58 -1.03
N CYS A 21 2.56 7.40 -1.03
CA CYS A 21 1.41 7.16 -1.88
C CYS A 21 1.49 8.04 -3.12
N TRP A 22 1.08 7.51 -4.26
CA TRP A 22 1.26 8.16 -5.54
C TRP A 22 0.05 7.96 -6.44
N ASP A 23 -0.05 6.77 -7.00
CA ASP A 23 -1.10 6.45 -7.95
C ASP A 23 -1.27 4.93 -8.03
N LEU A 24 -1.96 4.46 -9.07
CA LEU A 24 -2.26 3.04 -9.22
C LEU A 24 -1.06 2.24 -9.74
N SER A 25 0.06 2.92 -9.93
CA SER A 25 1.23 2.27 -10.51
C SER A 25 2.02 1.51 -9.45
N LEU A 26 2.61 2.24 -8.51
CA LEU A 26 3.45 1.61 -7.48
C LEU A 26 2.58 0.80 -6.52
N ASP A 27 2.99 -0.43 -6.29
CA ASP A 27 2.32 -1.29 -5.32
C ASP A 27 2.47 -0.72 -3.93
N CYS A 28 3.65 -0.15 -3.66
CA CYS A 28 3.89 0.47 -2.37
C CYS A 28 3.07 1.73 -2.21
N SER A 29 2.69 2.33 -3.33
CA SER A 29 1.80 3.47 -3.29
C SER A 29 0.36 2.99 -3.37
N PHE A 30 -0.56 3.83 -3.81
CA PHE A 30 -1.96 3.50 -3.69
C PHE A 30 -2.42 2.63 -4.86
N CYS A 31 -2.01 1.39 -4.84
CA CYS A 31 -2.58 0.40 -5.71
C CYS A 31 -3.06 -0.76 -4.86
N VAL A 32 -4.33 -1.10 -5.00
CA VAL A 32 -4.83 -2.32 -4.41
C VAL A 32 -4.17 -3.47 -5.11
N PHE A 33 -4.09 -4.63 -4.46
CA PHE A 33 -3.15 -5.68 -4.87
C PHE A 33 -3.31 -5.98 -6.36
N CYS A 34 -2.35 -5.46 -7.11
CA CYS A 34 -2.37 -5.46 -8.56
C CYS A 34 -1.22 -6.28 -9.12
N GLY A 1 0.67 -0.34 -0.63
CA GLY A 1 -0.64 0.09 -0.12
C GLY A 1 -0.80 1.59 -0.17
N CYS A 2 -0.24 2.28 0.81
CA CYS A 2 -0.20 3.75 0.78
C CYS A 2 0.65 4.31 1.89
N LYS A 3 0.12 4.28 3.09
CA LYS A 3 0.78 4.86 4.25
C LYS A 3 1.68 3.82 4.91
N PRO A 4 2.84 4.26 5.45
CA PRO A 4 3.78 3.37 6.12
C PRO A 4 3.24 2.90 7.48
N LYS A 5 3.33 1.60 7.72
CA LYS A 5 2.82 1.02 8.94
C LYS A 5 3.69 -0.17 9.36
N GLY A 6 4.26 -0.08 10.55
CA GLY A 6 5.06 -1.18 11.07
C GLY A 6 4.19 -2.33 11.55
N ALA A 7 3.01 -1.98 12.04
CA ALA A 7 2.02 -2.94 12.48
C ALA A 7 1.49 -3.73 11.29
N PRO A 8 0.96 -4.94 11.52
CA PRO A 8 0.43 -5.80 10.46
C PRO A 8 -0.59 -5.09 9.58
N CYS A 9 -0.40 -5.21 8.28
CA CYS A 9 -1.24 -4.52 7.31
C CYS A 9 -2.36 -5.41 6.82
N SER A 10 -3.31 -4.80 6.11
CA SER A 10 -4.47 -5.49 5.59
C SER A 10 -4.22 -6.01 4.18
N PRO A 11 -4.05 -7.33 4.02
CA PRO A 11 -3.78 -7.94 2.71
C PRO A 11 -5.05 -8.18 1.89
N LEU A 12 -6.18 -7.69 2.39
CA LEU A 12 -7.48 -7.91 1.75
C LEU A 12 -7.55 -7.13 0.43
N MET A 13 -7.55 -5.81 0.52
CA MET A 13 -7.62 -4.96 -0.66
C MET A 13 -6.26 -4.40 -1.02
N TYR A 14 -5.58 -3.86 -0.03
CA TYR A 14 -4.28 -3.26 -0.26
C TYR A 14 -3.49 -3.16 1.05
N PRO A 15 -2.31 -3.81 1.13
CA PRO A 15 -1.47 -3.77 2.32
C PRO A 15 -0.57 -2.53 2.33
N CYS A 16 -0.62 -1.79 3.43
CA CYS A 16 0.21 -0.61 3.60
C CYS A 16 1.70 -0.92 3.46
N CYS A 17 2.35 -0.25 2.52
CA CYS A 17 3.79 -0.41 2.30
C CYS A 17 4.52 0.77 2.92
N THR A 18 5.71 0.52 3.44
CA THR A 18 6.50 1.57 4.07
C THR A 18 7.27 2.36 3.01
N GLY A 19 6.52 2.86 2.03
CA GLY A 19 7.11 3.64 0.96
C GLY A 19 6.24 4.84 0.60
N PRO A 20 6.52 5.49 -0.52
CA PRO A 20 5.74 6.64 -0.98
C PRO A 20 4.40 6.24 -1.60
N CYS A 21 3.36 6.97 -1.26
CA CYS A 21 2.03 6.69 -1.78
C CYS A 21 1.72 7.55 -2.99
N TRP A 22 2.28 7.18 -4.12
CA TRP A 22 2.02 7.85 -5.40
C TRP A 22 0.54 7.77 -5.77
N ASP A 23 0.17 6.66 -6.37
CA ASP A 23 -1.17 6.44 -6.89
C ASP A 23 -1.24 5.06 -7.53
N LEU A 24 -1.87 4.95 -8.69
CA LEU A 24 -1.96 3.69 -9.44
C LEU A 24 -0.60 3.23 -9.97
N SER A 25 0.45 3.90 -9.53
CA SER A 25 1.81 3.67 -10.01
C SER A 25 2.32 2.27 -9.64
N LEU A 26 2.67 2.07 -8.38
CA LEU A 26 3.18 0.78 -7.92
C LEU A 26 2.28 0.23 -6.81
N ASP A 27 2.58 -0.96 -6.31
CA ASP A 27 1.76 -1.56 -5.26
C ASP A 27 1.94 -0.82 -3.95
N CYS A 28 3.18 -0.41 -3.67
CA CYS A 28 3.46 0.34 -2.45
C CYS A 28 2.70 1.65 -2.42
N SER A 29 2.39 2.18 -3.58
CA SER A 29 1.58 3.38 -3.67
C SER A 29 0.11 2.98 -3.72
N PHE A 30 -0.78 3.89 -4.07
CA PHE A 30 -2.19 3.62 -3.94
C PHE A 30 -2.70 2.79 -5.11
N CYS A 31 -2.33 1.53 -5.12
CA CYS A 31 -2.90 0.58 -6.05
C CYS A 31 -3.41 -0.62 -5.28
N VAL A 32 -4.72 -0.76 -5.20
CA VAL A 32 -5.32 -1.94 -4.60
C VAL A 32 -5.00 -3.14 -5.46
N PHE A 33 -5.05 -4.33 -4.86
CA PHE A 33 -4.33 -5.50 -5.38
C PHE A 33 -4.55 -5.68 -6.88
N CYS A 34 -3.58 -5.14 -7.59
CA CYS A 34 -3.63 -5.02 -9.03
C CYS A 34 -2.60 -5.94 -9.69
N GLY A 1 -3.97 0.59 2.81
CA GLY A 1 -2.75 0.37 2.02
C GLY A 1 -1.89 1.62 1.93
N CYS A 2 -0.61 1.42 1.65
CA CYS A 2 0.34 2.51 1.40
C CYS A 2 0.58 3.39 2.64
N LYS A 3 0.27 2.88 3.83
CA LYS A 3 0.54 3.61 5.05
C LYS A 3 1.61 2.87 5.87
N PRO A 4 2.51 3.58 6.57
CA PRO A 4 3.58 2.96 7.36
C PRO A 4 3.03 2.12 8.53
N LYS A 5 3.55 0.91 8.67
CA LYS A 5 3.13 -0.01 9.73
C LYS A 5 4.04 -1.24 9.71
N GLY A 6 4.37 -1.75 10.88
CA GLY A 6 5.22 -2.92 10.97
C GLY A 6 4.48 -4.20 10.61
N ALA A 7 3.57 -4.60 11.47
CA ALA A 7 2.70 -5.76 11.20
C ALA A 7 1.85 -5.47 9.96
N PRO A 8 1.49 -6.50 9.19
CA PRO A 8 0.80 -6.32 7.91
C PRO A 8 -0.50 -5.54 8.06
N CYS A 9 -0.57 -4.45 7.33
CA CYS A 9 -1.71 -3.55 7.36
C CYS A 9 -2.52 -3.65 6.08
N SER A 10 -3.71 -4.23 6.16
CA SER A 10 -4.62 -4.19 5.04
C SER A 10 -6.06 -4.05 5.52
N PRO A 11 -6.57 -2.82 5.54
CA PRO A 11 -7.97 -2.56 5.87
C PRO A 11 -8.91 -3.18 4.83
N LEU A 12 -8.37 -3.46 3.64
CA LEU A 12 -9.16 -4.06 2.58
C LEU A 12 -8.52 -5.35 2.10
N MET A 13 -7.71 -5.26 1.04
CA MET A 13 -7.06 -6.43 0.48
C MET A 13 -5.62 -6.14 0.08
N TYR A 14 -5.14 -4.94 0.36
CA TYR A 14 -3.79 -4.56 -0.05
C TYR A 14 -3.00 -4.02 1.13
N PRO A 15 -1.75 -4.52 1.30
CA PRO A 15 -0.89 -4.16 2.43
C PRO A 15 -0.45 -2.70 2.41
N CYS A 16 -0.07 -2.21 3.57
CA CYS A 16 0.34 -0.83 3.72
C CYS A 16 1.85 -0.71 3.62
N CYS A 17 2.33 -0.45 2.42
CA CYS A 17 3.75 -0.25 2.19
C CYS A 17 4.19 1.09 2.77
N THR A 18 5.43 1.17 3.24
CA THR A 18 5.93 2.37 3.90
C THR A 18 6.52 3.36 2.90
N GLY A 19 6.15 3.21 1.63
CA GLY A 19 6.66 4.08 0.61
C GLY A 19 5.73 5.24 0.32
N PRO A 20 6.07 6.09 -0.66
CA PRO A 20 5.25 7.24 -1.04
C PRO A 20 4.02 6.84 -1.84
N CYS A 21 2.89 7.45 -1.54
CA CYS A 21 1.65 7.15 -2.23
C CYS A 21 1.52 7.96 -3.51
N TRP A 22 1.10 7.29 -4.58
CA TRP A 22 1.00 7.90 -5.90
C TRP A 22 -0.32 7.51 -6.55
N ASP A 23 -0.36 6.27 -7.05
CA ASP A 23 -1.53 5.73 -7.74
C ASP A 23 -1.26 4.25 -8.04
N LEU A 24 -1.87 3.70 -9.07
CA LEU A 24 -1.62 2.31 -9.47
C LEU A 24 -0.24 2.15 -10.07
N SER A 25 0.50 3.24 -10.10
CA SER A 25 1.83 3.29 -10.70
C SER A 25 2.82 2.45 -9.90
N LEU A 26 2.74 2.55 -8.58
CA LEU A 26 3.63 1.81 -7.70
C LEU A 26 2.82 0.87 -6.82
N ASP A 27 3.33 -0.33 -6.60
CA ASP A 27 2.65 -1.29 -5.74
C ASP A 27 2.93 -0.96 -4.28
N CYS A 28 4.01 -0.22 -4.05
CA CYS A 28 4.32 0.25 -2.72
C CYS A 28 3.52 1.52 -2.43
N SER A 29 2.97 2.11 -3.48
CA SER A 29 2.12 3.26 -3.33
C SER A 29 0.66 2.82 -3.26
N PHE A 30 -0.26 3.65 -3.71
CA PHE A 30 -1.66 3.32 -3.58
C PHE A 30 -2.15 2.56 -4.81
N CYS A 31 -1.74 1.30 -4.93
CA CYS A 31 -2.28 0.43 -5.94
C CYS A 31 -2.94 -0.75 -5.26
N VAL A 32 -4.26 -0.74 -5.22
CA VAL A 32 -5.01 -1.87 -4.70
C VAL A 32 -4.81 -3.05 -5.62
N PHE A 33 -5.07 -4.25 -5.11
CA PHE A 33 -4.47 -5.49 -5.63
C PHE A 33 -4.55 -5.55 -7.15
N CYS A 34 -3.44 -5.11 -7.70
CA CYS A 34 -3.23 -4.99 -9.13
C CYS A 34 -2.22 -6.01 -9.60
N GLY A 1 -3.42 2.39 4.82
CA GLY A 1 -2.19 2.02 4.10
C GLY A 1 -1.25 3.19 3.94
N CYS A 2 -0.14 2.96 3.23
CA CYS A 2 0.83 4.02 2.92
C CYS A 2 1.43 4.65 4.19
N LYS A 3 1.31 3.99 5.33
CA LYS A 3 1.89 4.50 6.56
C LYS A 3 2.99 3.57 7.06
N PRO A 4 3.89 4.06 7.91
CA PRO A 4 4.86 3.21 8.61
C PRO A 4 4.15 2.25 9.56
N LYS A 5 4.51 0.98 9.50
CA LYS A 5 3.73 -0.05 10.15
C LYS A 5 4.60 -1.06 10.90
N GLY A 6 3.92 -2.00 11.53
CA GLY A 6 4.58 -3.10 12.20
C GLY A 6 3.70 -4.34 12.18
N ALA A 7 2.40 -4.12 12.31
CA ALA A 7 1.42 -5.18 12.20
C ALA A 7 0.99 -5.39 10.74
N PRO A 8 0.62 -6.63 10.35
CA PRO A 8 0.22 -6.95 8.97
C PRO A 8 -1.01 -6.18 8.51
N CYS A 9 -0.89 -5.56 7.35
CA CYS A 9 -1.98 -4.79 6.75
C CYS A 9 -2.64 -5.57 5.62
N SER A 10 -3.59 -4.91 4.98
CA SER A 10 -4.29 -5.44 3.79
C SER A 10 -3.34 -6.17 2.84
N PRO A 11 -3.57 -7.48 2.64
CA PRO A 11 -2.75 -8.30 1.74
C PRO A 11 -3.22 -8.24 0.29
N LEU A 12 -4.18 -7.37 0.01
CA LEU A 12 -4.75 -7.24 -1.33
C LEU A 12 -3.76 -6.61 -2.30
N MET A 13 -3.87 -5.30 -2.48
CA MET A 13 -2.94 -4.56 -3.33
C MET A 13 -2.59 -3.22 -2.71
N TYR A 14 -3.34 -2.82 -1.69
CA TYR A 14 -3.06 -1.59 -0.96
C TYR A 14 -2.73 -1.89 0.51
N PRO A 15 -1.51 -2.32 0.80
CA PRO A 15 -1.01 -2.51 2.15
C PRO A 15 -0.39 -1.22 2.69
N CYS A 16 -0.12 -1.20 3.98
CA CYS A 16 0.56 -0.05 4.56
C CYS A 16 2.04 -0.10 4.23
N CYS A 17 2.41 0.53 3.14
CA CYS A 17 3.81 0.62 2.77
C CYS A 17 4.35 1.98 3.18
N THR A 18 5.52 1.99 3.81
CA THR A 18 6.08 3.21 4.38
C THR A 18 6.79 4.06 3.32
N GLY A 19 6.36 3.92 2.08
CA GLY A 19 6.94 4.69 0.99
C GLY A 19 5.92 5.58 0.32
N PRO A 20 6.27 6.20 -0.82
CA PRO A 20 5.35 7.06 -1.56
C PRO A 20 4.24 6.27 -2.24
N CYS A 21 3.00 6.66 -2.02
CA CYS A 21 1.87 5.92 -2.58
C CYS A 21 1.24 6.66 -3.74
N TRP A 22 1.73 6.36 -4.93
CA TRP A 22 1.19 6.89 -6.17
C TRP A 22 0.19 5.91 -6.78
N ASP A 23 -0.74 6.42 -7.56
CA ASP A 23 -1.73 5.55 -8.20
C ASP A 23 -1.22 5.11 -9.56
N LEU A 24 -0.16 4.31 -9.56
CA LEU A 24 0.42 3.85 -10.81
C LEU A 24 0.10 2.37 -11.07
N SER A 25 0.09 1.57 -9.99
CA SER A 25 -0.19 0.13 -10.02
C SER A 25 0.54 -0.56 -8.88
N LEU A 26 1.70 0.02 -8.51
CA LEU A 26 2.53 -0.52 -7.43
C LEU A 26 1.69 -0.82 -6.20
N ASP A 27 1.93 -1.98 -5.59
CA ASP A 27 1.19 -2.38 -4.40
C ASP A 27 1.68 -1.59 -3.20
N CYS A 28 2.97 -1.27 -3.19
CA CYS A 28 3.54 -0.44 -2.14
C CYS A 28 3.01 0.98 -2.26
N SER A 29 2.46 1.30 -3.41
CA SER A 29 1.96 2.63 -3.65
C SER A 29 0.44 2.65 -3.52
N PHE A 30 -0.21 3.61 -4.16
CA PHE A 30 -1.64 3.76 -4.02
C PHE A 30 -2.39 3.05 -5.14
N CYS A 31 -2.45 1.73 -5.10
CA CYS A 31 -3.35 1.01 -5.98
C CYS A 31 -4.22 0.07 -5.19
N VAL A 32 -5.48 0.43 -5.01
CA VAL A 32 -6.47 -0.51 -4.53
C VAL A 32 -6.68 -1.55 -5.60
N PHE A 33 -7.20 -2.71 -5.22
CA PHE A 33 -7.02 -3.94 -6.00
C PHE A 33 -7.37 -3.72 -7.47
N CYS A 34 -6.31 -3.53 -8.24
CA CYS A 34 -6.39 -3.14 -9.65
C CYS A 34 -5.94 -4.28 -10.55
N GLY A 1 -3.42 2.05 3.36
CA GLY A 1 -2.22 1.50 2.68
C GLY A 1 -1.16 2.55 2.44
N CYS A 2 -0.05 2.11 1.83
CA CYS A 2 1.08 2.98 1.44
C CYS A 2 1.63 3.83 2.59
N LYS A 3 1.31 3.46 3.82
CA LYS A 3 1.84 4.15 4.97
C LYS A 3 2.77 3.22 5.74
N PRO A 4 3.88 3.75 6.30
CA PRO A 4 4.83 2.96 7.09
C PRO A 4 4.17 2.35 8.32
N LYS A 5 4.41 1.07 8.54
CA LYS A 5 3.65 0.32 9.54
C LYS A 5 4.55 -0.52 10.44
N GLY A 6 4.05 -0.77 11.64
CA GLY A 6 4.65 -1.73 12.53
C GLY A 6 3.65 -2.83 12.88
N ALA A 7 2.38 -2.50 12.74
CA ALA A 7 1.29 -3.43 12.94
C ALA A 7 0.99 -4.18 11.64
N PRO A 8 0.30 -5.32 11.72
CA PRO A 8 -0.10 -6.09 10.54
C PRO A 8 -0.92 -5.24 9.56
N CYS A 9 -0.66 -5.44 8.28
CA CYS A 9 -1.27 -4.63 7.24
C CYS A 9 -2.65 -5.12 6.84
N SER A 10 -3.35 -4.28 6.09
CA SER A 10 -4.67 -4.60 5.58
C SER A 10 -4.57 -5.65 4.48
N PRO A 11 -5.29 -6.78 4.66
CA PRO A 11 -5.27 -7.88 3.70
C PRO A 11 -6.13 -7.60 2.47
N LEU A 12 -6.66 -6.38 2.39
CA LEU A 12 -7.51 -6.00 1.27
C LEU A 12 -6.68 -5.62 0.05
N MET A 13 -5.96 -6.59 -0.49
CA MET A 13 -5.22 -6.46 -1.73
C MET A 13 -4.00 -5.55 -1.61
N TYR A 14 -4.24 -4.28 -1.31
CA TYR A 14 -3.18 -3.30 -1.26
C TYR A 14 -2.82 -3.00 0.21
N PRO A 15 -1.60 -3.38 0.64
CA PRO A 15 -1.16 -3.23 2.01
C PRO A 15 -0.45 -1.91 2.29
N CYS A 16 -0.22 -1.65 3.56
CA CYS A 16 0.54 -0.48 4.00
C CYS A 16 2.03 -0.69 3.80
N CYS A 17 2.52 -0.28 2.65
CA CYS A 17 3.94 -0.39 2.34
C CYS A 17 4.66 0.88 2.79
N THR A 18 5.92 0.73 3.19
CA THR A 18 6.69 1.84 3.73
C THR A 18 7.29 2.71 2.60
N GLY A 19 6.45 3.09 1.67
CA GLY A 19 6.90 3.91 0.55
C GLY A 19 6.00 5.10 0.30
N PRO A 20 5.98 5.61 -0.94
CA PRO A 20 5.15 6.75 -1.34
C PRO A 20 3.71 6.32 -1.61
N CYS A 21 2.82 7.28 -1.79
CA CYS A 21 1.43 6.96 -2.08
C CYS A 21 1.01 7.44 -3.47
N TRP A 22 1.59 6.81 -4.47
CA TRP A 22 1.20 7.03 -5.85
C TRP A 22 0.01 6.17 -6.22
N ASP A 23 -0.98 6.75 -6.87
CA ASP A 23 -2.13 6.01 -7.39
C ASP A 23 -1.83 5.50 -8.79
N LEU A 24 -0.64 5.86 -9.26
CA LEU A 24 -0.26 5.66 -10.65
C LEU A 24 -0.09 4.18 -11.00
N SER A 25 0.41 3.36 -10.07
CA SER A 25 0.67 1.96 -10.37
C SER A 25 1.34 1.22 -9.21
N LEU A 26 2.24 1.91 -8.51
CA LEU A 26 3.07 1.29 -7.46
C LEU A 26 2.22 0.48 -6.48
N ASP A 27 2.62 -0.78 -6.27
CA ASP A 27 1.92 -1.66 -5.32
C ASP A 27 2.33 -1.32 -3.91
N CYS A 28 3.46 -0.64 -3.78
CA CYS A 28 3.92 -0.14 -2.49
C CYS A 28 3.16 1.13 -2.14
N SER A 29 2.38 1.60 -3.10
CA SER A 29 1.65 2.83 -2.94
C SER A 29 0.16 2.58 -3.03
N PHE A 30 -0.56 3.50 -3.64
CA PHE A 30 -2.00 3.40 -3.71
C PHE A 30 -2.44 2.78 -5.03
N CYS A 31 -2.24 1.49 -5.17
CA CYS A 31 -2.83 0.76 -6.28
C CYS A 31 -3.57 -0.44 -5.76
N VAL A 32 -4.89 -0.36 -5.75
CA VAL A 32 -5.72 -1.50 -5.47
C VAL A 32 -5.55 -2.48 -6.61
N PHE A 33 -5.86 -3.75 -6.35
CA PHE A 33 -5.33 -4.85 -7.15
C PHE A 33 -5.48 -4.60 -8.65
N CYS A 34 -4.41 -4.08 -9.18
CA CYS A 34 -4.30 -3.64 -10.56
C CYS A 34 -3.40 -4.58 -11.35
N GLY A 1 -3.57 -0.52 1.39
CA GLY A 1 -2.34 -0.02 2.05
C GLY A 1 -1.53 0.83 1.12
N CYS A 2 -0.88 1.86 1.65
CA CYS A 2 -0.10 2.77 0.84
C CYS A 2 0.81 3.64 1.69
N LYS A 3 0.40 3.91 2.92
CA LYS A 3 1.24 4.66 3.85
C LYS A 3 2.04 3.70 4.74
N PRO A 4 3.13 4.18 5.37
CA PRO A 4 3.95 3.36 6.26
C PRO A 4 3.28 3.11 7.60
N LYS A 5 3.44 1.91 8.12
CA LYS A 5 2.85 1.52 9.38
C LYS A 5 3.73 0.48 10.05
N GLY A 6 3.67 0.38 11.38
CA GLY A 6 4.44 -0.63 12.08
C GLY A 6 4.08 -2.03 11.61
N ALA A 7 2.99 -2.55 12.14
CA ALA A 7 2.45 -3.81 11.67
C ALA A 7 1.63 -3.55 10.41
N PRO A 8 1.71 -4.45 9.42
CA PRO A 8 1.10 -4.23 8.11
C PRO A 8 -0.41 -4.04 8.21
N CYS A 9 -0.88 -2.96 7.63
CA CYS A 9 -2.30 -2.66 7.55
C CYS A 9 -2.88 -3.09 6.21
N SER A 10 -3.69 -4.13 6.24
CA SER A 10 -4.49 -4.53 5.09
C SER A 10 -5.85 -5.02 5.55
N PRO A 11 -6.86 -4.15 5.50
CA PRO A 11 -8.24 -4.53 5.74
C PRO A 11 -8.84 -5.21 4.51
N LEU A 12 -8.05 -5.26 3.43
CA LEU A 12 -8.51 -5.87 2.19
C LEU A 12 -7.55 -6.97 1.75
N MET A 13 -6.62 -6.60 0.88
CA MET A 13 -5.61 -7.52 0.35
C MET A 13 -4.30 -6.77 0.15
N TYR A 14 -4.42 -5.53 -0.34
CA TYR A 14 -3.26 -4.69 -0.58
C TYR A 14 -2.76 -4.09 0.74
N PRO A 15 -1.56 -4.50 1.19
CA PRO A 15 -0.99 -4.04 2.45
C PRO A 15 -0.33 -2.68 2.33
N CYS A 16 -0.17 -2.00 3.46
CA CYS A 16 0.47 -0.70 3.50
C CYS A 16 1.98 -0.87 3.51
N CYS A 17 2.63 -0.44 2.44
CA CYS A 17 4.07 -0.53 2.34
C CYS A 17 4.73 0.73 2.90
N THR A 18 5.87 0.56 3.55
CA THR A 18 6.58 1.67 4.17
C THR A 18 7.41 2.45 3.14
N GLY A 19 6.85 2.64 1.96
CA GLY A 19 7.55 3.34 0.91
C GLY A 19 6.80 4.57 0.45
N PRO A 20 6.77 4.84 -0.86
CA PRO A 20 6.03 5.96 -1.44
C PRO A 20 4.53 5.68 -1.55
N CYS A 21 3.74 6.74 -1.66
CA CYS A 21 2.30 6.58 -1.75
C CYS A 21 1.73 7.42 -2.90
N TRP A 22 1.73 6.83 -4.09
CA TRP A 22 1.20 7.47 -5.28
C TRP A 22 -0.32 7.42 -5.30
N ASP A 23 -0.85 6.21 -5.16
CA ASP A 23 -2.30 5.92 -5.26
C ASP A 23 -2.75 5.90 -6.72
N LEU A 24 -1.84 6.31 -7.58
CA LEU A 24 -2.07 6.28 -9.02
C LEU A 24 -1.29 5.15 -9.67
N SER A 25 -0.30 4.63 -8.96
CA SER A 25 0.56 3.59 -9.49
C SER A 25 1.37 2.96 -8.35
N LEU A 26 2.39 2.17 -8.72
CA LEU A 26 3.28 1.49 -7.77
C LEU A 26 2.56 0.43 -6.96
N ASP A 27 3.35 -0.37 -6.25
CA ASP A 27 2.82 -1.45 -5.44
C ASP A 27 2.85 -1.08 -3.96
N CYS A 28 3.90 -0.38 -3.54
CA CYS A 28 3.96 0.14 -2.18
C CYS A 28 2.94 1.25 -2.02
N SER A 29 2.51 1.77 -3.15
CA SER A 29 1.46 2.75 -3.19
C SER A 29 0.12 2.06 -3.41
N PHE A 30 -0.93 2.82 -3.65
CA PHE A 30 -2.25 2.26 -3.71
C PHE A 30 -2.71 2.07 -5.13
N CYS A 31 -2.19 1.03 -5.76
CA CYS A 31 -2.75 0.58 -7.01
C CYS A 31 -3.30 -0.81 -6.80
N VAL A 32 -4.61 -0.92 -6.69
CA VAL A 32 -5.24 -2.21 -6.55
C VAL A 32 -5.01 -2.99 -7.82
N PHE A 33 -5.09 -4.31 -7.71
CA PHE A 33 -4.31 -5.21 -8.55
C PHE A 33 -4.43 -4.88 -10.01
N CYS A 34 -3.46 -4.08 -10.42
CA CYS A 34 -3.37 -3.52 -11.76
C CYS A 34 -2.30 -4.24 -12.56
N GLY A 1 -3.90 1.38 1.31
CA GLY A 1 -2.74 1.03 2.17
C GLY A 1 -1.64 2.04 2.07
N CYS A 2 -0.47 1.58 1.63
CA CYS A 2 0.71 2.41 1.39
C CYS A 2 1.10 3.32 2.57
N LYS A 3 0.54 3.05 3.74
CA LYS A 3 0.91 3.75 4.96
C LYS A 3 1.85 2.91 5.77
N PRO A 4 3.06 3.43 6.04
CA PRO A 4 4.09 2.65 6.67
C PRO A 4 3.69 2.17 8.07
N LYS A 5 3.88 0.87 8.30
CA LYS A 5 3.54 0.27 9.59
C LYS A 5 4.47 -0.92 9.86
N GLY A 6 4.46 -1.41 11.10
CA GLY A 6 5.22 -2.59 11.42
C GLY A 6 4.41 -3.85 11.17
N ALA A 7 3.47 -4.12 12.07
CA ALA A 7 2.52 -5.21 11.89
C ALA A 7 1.69 -4.98 10.64
N PRO A 8 1.30 -6.06 9.93
CA PRO A 8 0.66 -5.93 8.62
C PRO A 8 -0.58 -5.06 8.65
N CYS A 9 -0.57 -4.04 7.83
CA CYS A 9 -1.68 -3.12 7.66
C CYS A 9 -2.36 -3.36 6.33
N SER A 10 -3.59 -3.81 6.30
CA SER A 10 -4.35 -3.79 5.06
C SER A 10 -5.82 -3.51 5.34
N PRO A 11 -6.26 -2.24 5.15
CA PRO A 11 -7.67 -1.85 5.35
C PRO A 11 -8.61 -2.63 4.44
N LEU A 12 -8.22 -2.77 3.18
CA LEU A 12 -9.01 -3.53 2.23
C LEU A 12 -8.45 -4.95 2.14
N MET A 13 -7.38 -5.08 1.37
CA MET A 13 -6.67 -6.34 1.20
C MET A 13 -5.20 -6.04 0.92
N TYR A 14 -4.98 -4.96 0.17
CA TYR A 14 -3.65 -4.56 -0.23
C TYR A 14 -2.87 -3.97 0.95
N PRO A 15 -1.67 -4.51 1.21
CA PRO A 15 -0.82 -4.10 2.34
C PRO A 15 -0.43 -2.63 2.30
N CYS A 16 -0.30 -2.06 3.49
CA CYS A 16 0.20 -0.70 3.63
C CYS A 16 1.72 -0.72 3.59
N CYS A 17 2.26 -0.54 2.39
CA CYS A 17 3.72 -0.58 2.21
C CYS A 17 4.36 0.65 2.86
N THR A 18 5.57 0.48 3.38
CA THR A 18 6.27 1.54 4.05
C THR A 18 6.96 2.46 3.04
N GLY A 19 6.20 2.89 2.05
CA GLY A 19 6.73 3.75 1.01
C GLY A 19 5.87 4.97 0.80
N PRO A 20 6.05 5.66 -0.32
CA PRO A 20 5.27 6.84 -0.66
C PRO A 20 4.01 6.49 -1.45
N CYS A 21 2.91 7.12 -1.10
CA CYS A 21 1.67 6.95 -1.83
C CYS A 21 1.66 7.87 -3.05
N TRP A 22 1.01 7.42 -4.13
CA TRP A 22 1.07 8.11 -5.41
C TRP A 22 -0.26 7.98 -6.14
N ASP A 23 -0.46 6.81 -6.72
CA ASP A 23 -1.65 6.52 -7.51
C ASP A 23 -1.67 5.03 -7.85
N LEU A 24 -2.39 4.64 -8.88
CA LEU A 24 -2.51 3.22 -9.28
C LEU A 24 -1.24 2.74 -9.98
N SER A 25 -0.23 3.58 -9.98
CA SER A 25 1.01 3.32 -10.72
C SER A 25 1.97 2.43 -9.93
N LEU A 26 2.37 2.90 -8.75
CA LEU A 26 3.36 2.19 -7.94
C LEU A 26 2.67 1.16 -7.07
N ASP A 27 3.41 0.11 -6.75
CA ASP A 27 2.85 -1.02 -6.00
C ASP A 27 2.93 -0.78 -4.50
N CYS A 28 3.86 0.06 -4.07
CA CYS A 28 3.92 0.46 -2.68
C CYS A 28 3.10 1.71 -2.44
N SER A 29 2.43 2.19 -3.49
CA SER A 29 1.48 3.26 -3.34
C SER A 29 0.07 2.68 -3.40
N PHE A 30 -0.83 3.30 -4.15
CA PHE A 30 -2.18 2.79 -4.23
C PHE A 30 -2.42 2.03 -5.52
N CYS A 31 -1.86 0.82 -5.61
CA CYS A 31 -2.21 -0.06 -6.71
C CYS A 31 -2.78 -1.34 -6.12
N VAL A 32 -4.09 -1.49 -6.21
CA VAL A 32 -4.74 -2.71 -5.77
C VAL A 32 -4.34 -3.83 -6.68
N PHE A 33 -4.49 -5.07 -6.20
CA PHE A 33 -3.62 -6.18 -6.62
C PHE A 33 -3.50 -6.26 -8.13
N CYS A 34 -2.45 -5.62 -8.60
CA CYS A 34 -2.14 -5.50 -10.00
C CYS A 34 -1.05 -6.47 -10.40
N GLY A 1 -4.40 0.98 4.20
CA GLY A 1 -3.33 1.03 3.19
C GLY A 1 -2.66 2.38 3.15
N CYS A 2 -1.69 2.52 2.23
CA CYS A 2 -0.99 3.78 1.99
C CYS A 2 -0.04 4.14 3.13
N LYS A 3 -0.60 4.61 4.23
CA LYS A 3 0.19 5.17 5.31
C LYS A 3 1.10 4.18 5.99
N PRO A 4 2.23 4.70 6.52
CA PRO A 4 3.40 3.90 6.85
C PRO A 4 3.10 2.73 7.79
N LYS A 5 3.59 1.56 7.43
CA LYS A 5 3.40 0.37 8.25
C LYS A 5 4.49 -0.65 7.93
N GLY A 6 5.39 -0.88 8.88
CA GLY A 6 6.46 -1.84 8.69
C GLY A 6 5.96 -3.27 8.81
N ALA A 7 4.99 -3.47 9.70
CA ALA A 7 4.34 -4.75 9.86
C ALA A 7 3.35 -4.98 8.73
N PRO A 8 3.04 -6.24 8.40
CA PRO A 8 2.06 -6.57 7.35
C PRO A 8 0.69 -6.00 7.67
N CYS A 9 0.14 -5.24 6.74
CA CYS A 9 -1.13 -4.56 6.95
C CYS A 9 -2.27 -5.23 6.20
N SER A 10 -3.43 -4.62 6.28
CA SER A 10 -4.63 -5.07 5.58
C SER A 10 -4.37 -5.39 4.11
N PRO A 11 -4.48 -6.66 3.72
CA PRO A 11 -4.36 -7.09 2.33
C PRO A 11 -5.72 -7.12 1.63
N LEU A 12 -6.75 -6.63 2.31
CA LEU A 12 -8.13 -6.72 1.83
C LEU A 12 -8.27 -6.04 0.47
N MET A 13 -8.15 -4.72 0.44
CA MET A 13 -8.22 -3.97 -0.81
C MET A 13 -6.86 -3.51 -1.24
N TYR A 14 -6.12 -2.91 -0.31
CA TYR A 14 -4.79 -2.42 -0.61
C TYR A 14 -3.99 -2.24 0.68
N PRO A 15 -2.75 -2.77 0.69
CA PRO A 15 -1.93 -2.83 1.90
C PRO A 15 -1.29 -1.49 2.28
N CYS A 16 -0.89 -1.42 3.54
CA CYS A 16 -0.24 -0.24 4.08
C CYS A 16 1.27 -0.41 4.04
N CYS A 17 1.87 0.04 2.96
CA CYS A 17 3.32 -0.06 2.83
C CYS A 17 4.00 1.15 3.46
N THR A 18 5.28 1.01 3.75
CA THR A 18 6.04 2.11 4.35
C THR A 18 6.74 2.93 3.25
N GLY A 19 5.95 3.41 2.32
CA GLY A 19 6.47 4.20 1.22
C GLY A 19 5.50 5.25 0.74
N PRO A 20 5.89 6.06 -0.25
CA PRO A 20 5.02 7.10 -0.82
C PRO A 20 3.88 6.49 -1.62
N CYS A 21 2.69 7.08 -1.51
CA CYS A 21 1.50 6.51 -2.13
C CYS A 21 1.23 7.11 -3.50
N TRP A 22 2.03 6.74 -4.47
CA TRP A 22 1.80 7.09 -5.85
C TRP A 22 0.76 6.17 -6.46
N ASP A 23 -0.27 6.73 -7.08
CA ASP A 23 -1.28 5.94 -7.76
C ASP A 23 -0.81 5.60 -9.18
N LEU A 24 0.42 5.12 -9.26
CA LEU A 24 1.03 4.80 -10.53
C LEU A 24 0.87 3.33 -10.85
N SER A 25 0.96 2.47 -9.83
CA SER A 25 0.88 1.01 -9.99
C SER A 25 1.52 0.30 -8.80
N LEU A 26 2.49 0.97 -8.17
CA LEU A 26 3.27 0.36 -7.10
C LEU A 26 2.39 -0.14 -5.97
N ASP A 27 2.61 -1.38 -5.56
CA ASP A 27 1.86 -1.99 -4.46
C ASP A 27 2.28 -1.40 -3.13
N CYS A 28 3.48 -0.85 -3.11
CA CYS A 28 3.98 -0.17 -1.91
C CYS A 28 3.48 1.26 -1.89
N SER A 29 2.71 1.61 -2.91
CA SER A 29 2.16 2.94 -3.03
C SER A 29 0.64 2.85 -3.09
N PHE A 30 0.01 3.69 -3.90
CA PHE A 30 -1.43 3.67 -3.98
C PHE A 30 -1.90 2.78 -5.12
N CYS A 31 -1.80 1.48 -4.92
CA CYS A 31 -2.42 0.53 -5.82
C CYS A 31 -3.25 -0.44 -5.01
N VAL A 32 -4.50 -0.62 -5.38
CA VAL A 32 -5.27 -1.71 -4.83
C VAL A 32 -4.68 -3.00 -5.38
N PHE A 33 -4.86 -4.09 -4.65
CA PHE A 33 -4.05 -5.30 -4.85
C PHE A 33 -4.03 -5.73 -6.32
N CYS A 34 -2.99 -5.27 -6.99
CA CYS A 34 -2.84 -5.41 -8.42
C CYS A 34 -1.83 -6.51 -8.75
N GLY A 1 -4.00 0.14 2.24
CA GLY A 1 -2.69 0.07 1.56
C GLY A 1 -2.04 1.44 1.43
N CYS A 2 -0.74 1.45 1.10
CA CYS A 2 -0.02 2.68 0.76
C CYS A 2 0.33 3.54 1.98
N LYS A 3 -0.35 3.32 3.10
CA LYS A 3 -0.13 4.13 4.29
C LYS A 3 1.02 3.56 5.12
N PRO A 4 1.79 4.42 5.79
CA PRO A 4 2.91 3.99 6.62
C PRO A 4 2.48 3.17 7.84
N LYS A 5 3.13 2.03 8.05
CA LYS A 5 2.80 1.12 9.13
C LYS A 5 3.80 -0.04 9.15
N GLY A 6 4.31 -0.37 10.34
CA GLY A 6 5.28 -1.43 10.47
C GLY A 6 4.65 -2.81 10.38
N ALA A 7 3.74 -3.11 11.30
CA ALA A 7 2.97 -4.34 11.23
C ALA A 7 2.06 -4.32 10.01
N PRO A 8 1.76 -5.48 9.41
CA PRO A 8 1.02 -5.54 8.14
C PRO A 8 -0.33 -4.83 8.23
N CYS A 9 -0.50 -3.86 7.35
CA CYS A 9 -1.71 -3.08 7.28
C CYS A 9 -2.50 -3.41 6.01
N SER A 10 -3.64 -4.07 6.15
CA SER A 10 -4.53 -4.24 5.03
C SER A 10 -6.00 -4.18 5.48
N PRO A 11 -6.68 -3.07 5.18
CA PRO A 11 -8.11 -2.91 5.42
C PRO A 11 -8.93 -3.93 4.62
N LEU A 12 -8.42 -4.31 3.46
CA LEU A 12 -9.09 -5.31 2.63
C LEU A 12 -8.17 -6.47 2.33
N MET A 13 -7.27 -6.28 1.39
CA MET A 13 -6.34 -7.32 0.98
C MET A 13 -5.08 -6.74 0.37
N TYR A 14 -4.91 -5.42 0.48
CA TYR A 14 -3.73 -4.77 -0.06
C TYR A 14 -2.91 -4.12 1.05
N PRO A 15 -1.63 -4.53 1.18
CA PRO A 15 -0.76 -4.09 2.27
C PRO A 15 -0.39 -2.60 2.19
N CYS A 16 -0.15 -2.00 3.34
CA CYS A 16 0.22 -0.61 3.42
C CYS A 16 1.73 -0.48 3.48
N CYS A 17 2.35 -0.33 2.32
CA CYS A 17 3.78 -0.16 2.23
C CYS A 17 4.17 1.22 2.75
N THR A 18 5.21 1.27 3.55
CA THR A 18 5.60 2.51 4.21
C THR A 18 6.60 3.31 3.36
N GLY A 19 6.67 2.97 2.08
CA GLY A 19 7.54 3.71 1.18
C GLY A 19 6.80 4.83 0.48
N PRO A 20 7.06 5.06 -0.82
CA PRO A 20 6.39 6.11 -1.59
C PRO A 20 4.92 5.80 -1.82
N CYS A 21 4.06 6.75 -1.48
CA CYS A 21 2.63 6.54 -1.62
C CYS A 21 2.06 7.42 -2.75
N TRP A 22 2.10 6.88 -3.95
CA TRP A 22 1.58 7.55 -5.13
C TRP A 22 0.07 7.49 -5.19
N ASP A 23 -0.44 6.31 -4.86
CA ASP A 23 -1.87 5.98 -4.95
C ASP A 23 -2.30 5.77 -6.40
N LEU A 24 -1.36 6.03 -7.30
CA LEU A 24 -1.64 6.00 -8.73
C LEU A 24 -1.09 4.76 -9.44
N SER A 25 0.07 4.25 -9.01
CA SER A 25 0.76 3.24 -9.81
C SER A 25 1.51 2.20 -8.97
N LEU A 26 2.54 2.63 -8.24
CA LEU A 26 3.45 1.71 -7.55
C LEU A 26 2.71 0.69 -6.68
N ASP A 27 3.32 -0.47 -6.50
CA ASP A 27 2.74 -1.52 -5.66
C ASP A 27 2.98 -1.21 -4.19
N CYS A 28 4.02 -0.44 -3.92
CA CYS A 28 4.25 0.10 -2.59
C CYS A 28 3.25 1.22 -2.34
N SER A 29 2.71 1.72 -3.44
CA SER A 29 1.68 2.72 -3.41
C SER A 29 0.31 2.05 -3.45
N PHE A 30 -0.73 2.80 -3.77
CA PHE A 30 -2.07 2.27 -3.70
C PHE A 30 -2.60 1.91 -5.07
N CYS A 31 -2.17 0.77 -5.58
CA CYS A 31 -2.82 0.19 -6.74
C CYS A 31 -3.22 -1.22 -6.42
N VAL A 32 -4.51 -1.43 -6.18
CA VAL A 32 -5.03 -2.76 -5.97
C VAL A 32 -4.84 -3.55 -7.24
N PHE A 33 -4.86 -4.87 -7.12
CA PHE A 33 -4.18 -5.76 -8.06
C PHE A 33 -4.52 -5.42 -9.50
N CYS A 34 -3.62 -4.62 -10.03
CA CYS A 34 -3.72 -4.05 -11.37
C CYS A 34 -2.66 -4.64 -12.29
N GLY A 1 -4.04 0.12 2.09
CA GLY A 1 -2.68 -0.34 1.71
C GLY A 1 -1.76 0.82 1.42
N CYS A 2 -0.51 0.49 1.15
CA CYS A 2 0.55 1.46 0.81
C CYS A 2 0.58 2.68 1.75
N LYS A 3 0.11 2.51 2.98
CA LYS A 3 0.17 3.56 3.96
C LYS A 3 1.13 3.17 5.09
N PRO A 4 1.91 4.13 5.61
CA PRO A 4 2.88 3.86 6.68
C PRO A 4 2.23 3.34 7.95
N LYS A 5 2.81 2.29 8.51
CA LYS A 5 2.23 1.65 9.68
C LYS A 5 3.32 0.99 10.54
N GLY A 6 4.01 0.02 9.97
CA GLY A 6 5.04 -0.70 10.71
C GLY A 6 4.86 -2.20 10.58
N ALA A 7 4.13 -2.78 11.53
CA ALA A 7 3.75 -4.18 11.44
C ALA A 7 2.81 -4.35 10.25
N PRO A 8 2.83 -5.52 9.58
CA PRO A 8 2.11 -5.69 8.32
C PRO A 8 0.64 -5.33 8.43
N CYS A 9 0.26 -4.38 7.61
CA CYS A 9 -1.10 -3.84 7.57
C CYS A 9 -1.78 -4.25 6.28
N SER A 10 -2.87 -4.99 6.34
CA SER A 10 -3.67 -5.21 5.14
C SER A 10 -5.16 -5.28 5.47
N PRO A 11 -5.82 -4.10 5.57
CA PRO A 11 -7.23 -4.01 5.94
C PRO A 11 -8.16 -4.67 4.91
N LEU A 12 -7.72 -4.72 3.66
CA LEU A 12 -8.51 -5.34 2.60
C LEU A 12 -7.77 -6.52 2.02
N MET A 13 -6.75 -6.22 1.22
CA MET A 13 -5.99 -7.24 0.50
C MET A 13 -4.54 -6.81 0.37
N TYR A 14 -4.34 -5.59 -0.11
CA TYR A 14 -3.00 -5.11 -0.40
C TYR A 14 -2.35 -4.49 0.84
N PRO A 15 -1.12 -4.91 1.15
CA PRO A 15 -0.39 -4.46 2.35
C PRO A 15 -0.12 -2.96 2.36
N CYS A 16 -0.10 -2.38 3.55
CA CYS A 16 0.21 -0.99 3.73
C CYS A 16 1.72 -0.81 3.78
N CYS A 17 2.30 -0.54 2.61
CA CYS A 17 3.75 -0.32 2.51
C CYS A 17 4.16 0.85 3.39
N THR A 18 5.32 0.75 4.01
CA THR A 18 5.74 1.76 4.95
C THR A 18 6.54 2.86 4.26
N GLY A 19 5.92 3.47 3.26
CA GLY A 19 6.55 4.55 2.52
C GLY A 19 5.52 5.42 1.81
N PRO A 20 5.94 6.15 0.77
CA PRO A 20 5.05 7.04 0.02
C PRO A 20 4.21 6.28 -1.01
N CYS A 21 2.95 6.64 -1.10
CA CYS A 21 2.03 5.97 -2.01
C CYS A 21 1.35 6.97 -2.94
N TRP A 22 1.13 6.54 -4.16
CA TRP A 22 0.41 7.32 -5.14
C TRP A 22 -0.72 6.48 -5.71
N ASP A 23 -0.61 6.10 -6.98
CA ASP A 23 -1.65 5.31 -7.65
C ASP A 23 -1.10 4.65 -8.92
N LEU A 24 0.19 4.32 -8.91
CA LEU A 24 0.87 3.84 -10.12
C LEU A 24 0.86 2.32 -10.24
N SER A 25 0.20 1.65 -9.30
CA SER A 25 0.10 0.17 -9.28
C SER A 25 1.40 -0.43 -8.74
N LEU A 26 2.37 0.44 -8.59
CA LEU A 26 3.65 0.13 -7.94
C LEU A 26 3.42 -0.50 -6.57
N ASP A 27 4.46 -1.10 -6.02
CA ASP A 27 4.33 -1.79 -4.73
C ASP A 27 3.95 -0.83 -3.63
N CYS A 28 4.63 0.31 -3.57
CA CYS A 28 4.37 1.27 -2.51
C CYS A 28 3.47 2.40 -2.99
N SER A 29 3.49 2.69 -4.29
CA SER A 29 2.57 3.67 -4.83
C SER A 29 1.53 2.95 -5.66
N PHE A 30 0.28 3.04 -5.24
CA PHE A 30 -0.65 2.02 -5.56
C PHE A 30 -2.01 2.55 -5.89
N CYS A 31 -2.64 1.86 -6.78
CA CYS A 31 -4.00 2.12 -7.11
C CYS A 31 -4.77 0.83 -6.93
N VAL A 32 -5.58 0.78 -5.87
CA VAL A 32 -6.41 -0.37 -5.62
C VAL A 32 -7.40 -0.49 -6.75
N PHE A 33 -7.94 -1.69 -6.93
CA PHE A 33 -8.46 -2.12 -8.24
C PHE A 33 -9.34 -1.05 -8.88
N CYS A 34 -8.68 -0.31 -9.75
CA CYS A 34 -9.24 0.86 -10.41
C CYS A 34 -9.38 0.60 -11.91
N GLY A 1 -4.69 0.65 1.26
CA GLY A 1 -3.23 0.73 1.48
C GLY A 1 -2.45 0.41 0.23
N CYS A 2 -1.25 -0.11 0.40
CA CYS A 2 -0.36 -0.39 -0.72
C CYS A 2 0.48 -1.64 -0.44
N LYS A 3 1.73 -1.47 -0.01
CA LYS A 3 2.59 -2.58 0.30
C LYS A 3 2.85 -2.59 1.81
N PRO A 4 2.91 -3.77 2.45
CA PRO A 4 2.96 -3.85 3.91
C PRO A 4 4.22 -3.22 4.52
N LYS A 5 4.00 -2.37 5.50
CA LYS A 5 5.05 -1.84 6.34
C LYS A 5 5.46 -2.88 7.38
N GLY A 6 6.35 -2.49 8.29
CA GLY A 6 6.78 -3.40 9.34
C GLY A 6 5.65 -3.84 10.24
N ALA A 7 5.01 -2.88 10.90
CA ALA A 7 3.86 -3.17 11.75
C ALA A 7 2.65 -3.53 10.89
N PRO A 8 1.81 -4.45 11.38
CA PRO A 8 0.66 -4.94 10.61
C PRO A 8 -0.34 -3.83 10.30
N CYS A 9 -0.66 -3.69 9.03
CA CYS A 9 -1.63 -2.70 8.59
C CYS A 9 -2.92 -3.40 8.22
N SER A 10 -3.89 -2.64 7.73
CA SER A 10 -5.15 -3.18 7.24
C SER A 10 -4.90 -4.34 6.26
N PRO A 11 -5.30 -5.56 6.65
CA PRO A 11 -5.10 -6.75 5.84
C PRO A 11 -6.26 -7.02 4.88
N LEU A 12 -7.19 -6.08 4.78
CA LEU A 12 -8.37 -6.23 3.93
C LEU A 12 -7.96 -6.67 2.53
N MET A 13 -7.08 -5.90 1.91
CA MET A 13 -6.55 -6.25 0.61
C MET A 13 -5.15 -5.70 0.44
N TYR A 14 -4.95 -4.45 0.83
CA TYR A 14 -3.68 -3.78 0.68
C TYR A 14 -3.25 -3.07 1.95
N PRO A 15 -2.26 -3.64 2.66
CA PRO A 15 -1.66 -2.99 3.83
C PRO A 15 -0.88 -1.76 3.41
N CYS A 16 -0.83 -0.78 4.28
CA CYS A 16 -0.36 0.54 3.91
C CYS A 16 1.15 0.56 3.72
N CYS A 17 1.60 1.22 2.65
CA CYS A 17 3.02 1.32 2.34
C CYS A 17 3.74 2.06 3.44
N THR A 18 4.92 1.57 3.77
CA THR A 18 5.72 2.16 4.82
C THR A 18 6.43 3.43 4.33
N GLY A 19 5.65 4.26 3.64
CA GLY A 19 6.16 5.48 3.05
C GLY A 19 5.08 6.17 2.24
N PRO A 20 5.45 6.91 1.19
CA PRO A 20 4.48 7.62 0.36
C PRO A 20 3.81 6.72 -0.68
N CYS A 21 2.49 6.74 -0.72
CA CYS A 21 1.74 6.00 -1.71
C CYS A 21 1.32 6.90 -2.85
N TRP A 22 1.99 6.75 -3.98
CA TRP A 22 1.65 7.46 -5.21
C TRP A 22 0.38 6.86 -5.82
N ASP A 23 0.22 6.99 -7.12
CA ASP A 23 -0.89 6.35 -7.83
C ASP A 23 -0.49 6.14 -9.29
N LEU A 24 0.73 5.66 -9.50
CA LEU A 24 1.25 5.52 -10.86
C LEU A 24 1.29 4.07 -11.33
N SER A 25 1.59 3.13 -10.43
CA SER A 25 1.77 1.72 -10.82
C SER A 25 2.39 0.91 -9.68
N LEU A 26 3.26 1.57 -8.89
CA LEU A 26 3.96 0.92 -7.78
C LEU A 26 3.00 0.18 -6.87
N ASP A 27 3.48 -0.87 -6.25
CA ASP A 27 2.71 -1.59 -5.25
C ASP A 27 2.79 -0.85 -3.92
N CYS A 28 3.79 0.03 -3.79
CA CYS A 28 3.86 0.92 -2.64
C CYS A 28 3.15 2.23 -2.98
N SER A 29 2.69 2.34 -4.21
CA SER A 29 1.78 3.42 -4.55
C SER A 29 0.38 2.87 -4.45
N PHE A 30 -0.62 3.70 -4.65
CA PHE A 30 -1.97 3.30 -4.37
C PHE A 30 -2.54 2.54 -5.56
N CYS A 31 -2.11 1.31 -5.71
CA CYS A 31 -2.68 0.45 -6.72
C CYS A 31 -3.25 -0.80 -6.07
N VAL A 32 -4.56 -0.79 -5.86
CA VAL A 32 -5.31 -2.01 -5.64
C VAL A 32 -5.39 -2.70 -6.97
N PHE A 33 -5.64 -4.00 -6.94
CA PHE A 33 -5.23 -4.89 -8.04
C PHE A 33 -5.65 -4.33 -9.39
N CYS A 34 -4.71 -3.61 -9.95
CA CYS A 34 -4.88 -2.90 -11.21
C CYS A 34 -4.87 -3.87 -12.38
#